data_7OEI
#
_entry.id   7OEI
#
_cell.length_a   63.944
_cell.length_b   63.944
_cell.length_c   224.906
_cell.angle_alpha   90.000
_cell.angle_beta   90.000
_cell.angle_gamma   120.000
#
_symmetry.space_group_name_H-M   'P 32 2 1'
#
loop_
_entity.id
_entity.type
_entity.pdbx_description
1 polymer 'N6-adenosine-methyltransferase catalytic subunit'
2 polymer 'N6-adenosine-methyltransferase non-catalytic subunit'
3 non-polymer (3~{R})-3-[[5-[(4,4-dimethylpiperidin-1-yl)methyl]-1~{H}-benzimidazol-2-yl]methyl]-1-[6-[(phenylmethyl)amino]pyrimidin-4-yl]piperidin-3-ol
4 non-polymer 'ACETATE ION'
5 water water
#
loop_
_entity_poly.entity_id
_entity_poly.type
_entity_poly.pdbx_seq_one_letter_code
_entity_poly.pdbx_strand_id
1 'polypeptide(L)'
;MGHHHHHHSSGRENLYFQGALTQSVGGDSSADRLFPPQWICCDIRYLDVSILGKFAVVMADPPWDIHMELPYGTLTDDEM
RRLNIPVLQDDGFLFLWVTGRAMELGRECLNLWGYERVDEIIWVKTNQLQRIIRTGRTGHWLNHGKEHCLVGVKGNPQGF
NQGLDCDVIVAEVRSTSHKPDEIYGMIERLSPGTRKIELFGRPHNVQPNWITLGNQLDGIHLLDPDVVARFKQRYPDGII
SKPKNL
;
A
2 'polypeptide(L)'
;MLKGTQSLNPHNDYCQHFVDTGHRPQNFIRDVGLADRFEEYPKLRELIRLKDELIAKSNTPPMYLQADIEAFDIRELTPK
FDVILLEPPLEEYYRETGITANEKCWTWDDIMKLEIDEIAAPRSFIFLWCGSGEGLDLGRVCLRKWGYRRCEDICWIKTN
KNNPGKTKTLDPKAVFQRTKEHCLMGIKGTVKRSTDGDFIHANVDIDLIITEEPEIGNIEKPVEIFHIIEHFCLGRRRLH
LFGRDSTIRPGWLTVGPTLTNSNYNAETYASYFSAPNSYLTGCTEEIERL
;
B
#
loop_
_chem_comp.id
_chem_comp.type
_chem_comp.name
_chem_comp.formula
ACT non-polymer 'ACETATE ION' 'C2 H3 O2 -1'
V9W non-polymer (3~{R})-3-[[5-[(4,4-dimethylpiperidin-1-yl)methyl]-1~{H}-benzimidazol-2-yl]methyl]-1-[6-[(phenylmethyl)amino]pyrimidin-4-yl]piperidin-3-ol 'C32 H41 N7 O'
#
# COMPACT_ATOMS: atom_id res chain seq x y z
N LEU A 34 26.01 21.88 12.89
CA LEU A 34 25.07 21.17 12.05
C LEU A 34 24.88 19.70 12.50
N PHE A 35 25.76 18.82 12.05
CA PHE A 35 25.77 17.35 12.13
C PHE A 35 25.03 16.69 13.31
N PRO A 36 25.15 17.15 14.57
CA PRO A 36 24.45 16.44 15.70
C PRO A 36 22.96 16.71 15.74
N PRO A 37 22.18 15.87 16.44
CA PRO A 37 20.72 16.03 16.48
C PRO A 37 20.29 17.40 16.98
N GLN A 38 19.34 17.99 16.28
CA GLN A 38 18.72 19.24 16.70
C GLN A 38 17.23 19.02 16.73
N TRP A 39 16.54 19.82 17.53
CA TRP A 39 15.09 19.69 17.60
C TRP A 39 14.48 20.98 18.13
N ILE A 40 13.14 21.01 18.06
CA ILE A 40 12.32 22.18 18.38
C ILE A 40 11.01 21.65 18.91
N CYS A 41 10.72 21.85 20.19
CA CYS A 41 9.39 21.59 20.71
C CYS A 41 8.49 22.73 20.25
N CYS A 42 7.32 22.38 19.72
CA CYS A 42 6.48 23.41 19.11
C CYS A 42 5.20 22.75 18.63
N ASP A 43 4.27 23.60 18.22
CA ASP A 43 3.09 23.18 17.47
C ASP A 43 3.41 23.37 16.00
N ILE A 44 3.43 22.27 15.26
CA ILE A 44 3.86 22.38 13.88
C ILE A 44 2.90 23.22 13.06
N ARG A 45 1.65 23.37 13.54
CA ARG A 45 0.68 24.24 12.87
C ARG A 45 1.17 25.68 12.84
N TYR A 46 1.82 26.12 13.92
CA TYR A 46 2.11 27.53 14.11
C TYR A 46 3.55 27.91 13.84
N LEU A 47 4.46 26.95 13.77
CA LEU A 47 5.86 27.29 13.60
C LEU A 47 6.11 27.84 12.19
N ASP A 48 6.98 28.84 12.09
CA ASP A 48 7.36 29.44 10.82
C ASP A 48 8.56 28.66 10.30
N VAL A 49 8.28 27.63 9.51
CA VAL A 49 9.32 26.69 9.11
C VAL A 49 10.17 27.29 8.00
N SER A 50 9.87 28.52 7.61
CA SER A 50 10.74 29.21 6.66
C SER A 50 12.10 29.49 7.27
N ILE A 51 12.17 29.62 8.60
CA ILE A 51 13.45 29.84 9.24
C ILE A 51 14.39 28.64 9.13
N LEU A 52 13.86 27.44 8.81
CA LEU A 52 14.67 26.25 8.89
C LEU A 52 15.45 25.92 7.62
N GLY A 53 15.14 26.57 6.49
CA GLY A 53 15.90 26.27 5.27
C GLY A 53 15.39 25.05 4.50
N LYS A 54 16.24 24.56 3.59
CA LYS A 54 15.84 23.55 2.61
C LYS A 54 16.45 22.19 2.98
N PHE A 55 15.70 21.13 2.72
CA PHE A 55 16.12 19.80 3.13
C PHE A 55 16.11 18.84 1.96
N ALA A 56 17.02 17.88 2.01
CA ALA A 56 17.04 16.85 0.97
C ALA A 56 15.98 15.80 1.24
N VAL A 57 15.54 15.64 2.49
CA VAL A 57 14.56 14.63 2.87
C VAL A 57 13.66 15.22 3.94
N VAL A 58 12.36 15.05 3.76
CA VAL A 58 11.38 15.32 4.80
C VAL A 58 10.71 14.02 5.16
N MET A 59 10.56 13.77 6.45
CA MET A 59 9.78 12.65 6.94
C MET A 59 8.72 13.21 7.87
N ALA A 60 7.50 12.75 7.70
CA ALA A 60 6.41 13.16 8.58
C ALA A 60 5.64 11.92 8.99
N ASP A 61 5.19 11.93 10.25
CA ASP A 61 4.40 10.84 10.83
C ASP A 61 3.20 11.49 11.49
N PRO A 62 2.25 12.00 10.70
CA PRO A 62 1.27 12.94 11.25
C PRO A 62 0.25 12.22 12.09
N PRO A 63 -0.36 12.91 13.06
CA PRO A 63 -1.50 12.41 13.85
C PRO A 63 -2.82 12.58 13.11
N TRP A 64 -3.00 11.76 12.09
CA TRP A 64 -4.19 11.81 11.27
C TRP A 64 -5.41 11.66 12.14
N ASP A 65 -6.48 12.33 11.74
CA ASP A 65 -7.76 12.19 12.44
C ASP A 65 -8.48 11.02 11.82
N ILE A 66 -8.26 9.85 12.39
CA ILE A 66 -8.79 8.63 11.81
C ILE A 66 -9.67 7.88 12.81
N GLY A 73 -3.95 14.30 20.58
CA GLY A 73 -3.95 15.59 19.91
C GLY A 73 -3.76 15.60 18.39
N THR A 74 -4.83 15.34 17.64
CA THR A 74 -4.74 15.13 16.20
C THR A 74 -4.95 16.44 15.43
N LEU A 75 -4.71 16.38 14.13
CA LEU A 75 -4.93 17.49 13.21
C LEU A 75 -6.07 17.14 12.25
N THR A 76 -6.89 18.14 11.93
CA THR A 76 -7.94 17.91 10.96
C THR A 76 -7.35 17.83 9.57
N ASP A 77 -8.18 17.35 8.63
CA ASP A 77 -7.71 17.23 7.26
C ASP A 77 -7.30 18.57 6.69
N ASP A 78 -8.05 19.63 7.00
CA ASP A 78 -7.66 20.95 6.53
C ASP A 78 -6.35 21.40 7.16
N GLU A 79 -6.22 21.17 8.47
CA GLU A 79 -4.97 21.50 9.14
C GLU A 79 -3.81 20.77 8.47
N MET A 80 -4.01 19.49 8.16
CA MET A 80 -2.99 18.74 7.43
C MET A 80 -2.78 19.29 6.02
N ARG A 81 -3.84 19.71 5.33
CA ARG A 81 -3.67 20.17 3.96
C ARG A 81 -2.90 21.48 3.93
N ARG A 82 -2.98 22.24 5.02
CA ARG A 82 -2.46 23.60 5.10
C ARG A 82 -1.01 23.68 5.55
N LEU A 83 -0.44 22.61 6.11
CA LEU A 83 0.95 22.64 6.59
C LEU A 83 1.87 23.14 5.49
N ASN A 84 2.86 23.94 5.88
CA ASN A 84 3.71 24.58 4.87
C ASN A 84 4.90 23.71 4.48
N ILE A 85 4.66 22.42 4.25
CA ILE A 85 5.60 21.51 3.58
C ILE A 85 6.26 22.12 2.34
N PRO A 86 5.53 22.84 1.47
CA PRO A 86 6.14 23.21 0.18
C PRO A 86 7.40 24.04 0.31
N VAL A 87 7.52 24.81 1.39
CA VAL A 87 8.71 25.65 1.58
C VAL A 87 9.91 24.83 2.02
N LEU A 88 9.69 23.62 2.55
CA LEU A 88 10.80 22.87 3.13
C LEU A 88 11.72 22.25 2.10
N GLN A 89 11.35 22.20 0.83
CA GLN A 89 12.18 21.49 -0.13
C GLN A 89 12.13 22.14 -1.48
N ASP A 90 13.21 21.98 -2.23
CA ASP A 90 13.28 22.30 -3.65
C ASP A 90 13.48 21.07 -4.51
N ASP A 91 14.42 20.20 -4.17
CA ASP A 91 14.56 18.92 -4.87
C ASP A 91 14.89 17.85 -3.86
N GLY A 92 13.95 16.96 -3.61
CA GLY A 92 14.21 15.90 -2.68
C GLY A 92 13.04 14.97 -2.52
N PHE A 93 13.06 14.24 -1.41
CA PHE A 93 12.10 13.20 -1.15
C PHE A 93 11.31 13.49 0.11
N LEU A 94 10.10 12.95 0.13
CA LEU A 94 9.21 13.04 1.28
C LEU A 94 8.81 11.63 1.67
N PHE A 95 8.97 11.33 2.96
CA PHE A 95 8.53 10.06 3.54
C PHE A 95 7.38 10.39 4.48
N LEU A 96 6.23 9.76 4.23
CA LEU A 96 4.96 10.15 4.84
C LEU A 96 4.22 8.92 5.34
N TRP A 97 4.14 8.75 6.65
CA TRP A 97 3.50 7.57 7.21
C TRP A 97 1.99 7.70 7.10
N VAL A 98 1.33 6.61 6.69
CA VAL A 98 -0.10 6.63 6.46
C VAL A 98 -0.72 5.37 7.05
N THR A 99 -2.01 5.48 7.33
CA THR A 99 -2.76 4.34 7.84
C THR A 99 -4.23 4.67 7.69
N GLY A 100 -5.04 3.62 7.57
CA GLY A 100 -6.47 3.80 7.37
C GLY A 100 -6.75 4.69 6.19
N ARG A 101 -7.67 5.64 6.38
CA ARG A 101 -8.03 6.51 5.27
C ARG A 101 -6.96 7.55 5.00
N ALA A 102 -6.02 7.76 5.93
CA ALA A 102 -4.86 8.58 5.60
C ALA A 102 -4.11 8.02 4.40
N MET A 103 -4.25 6.72 4.12
CA MET A 103 -3.71 6.15 2.89
C MET A 103 -4.19 6.93 1.67
N GLU A 104 -5.45 7.37 1.70
CA GLU A 104 -5.99 8.19 0.63
C GLU A 104 -5.66 9.66 0.86
N LEU A 105 -5.86 10.12 2.10
CA LEU A 105 -5.66 11.52 2.39
C LEU A 105 -4.19 11.90 2.28
N GLY A 106 -3.29 11.02 2.73
CA GLY A 106 -1.88 11.30 2.60
C GLY A 106 -1.45 11.45 1.16
N ARG A 107 -2.03 10.63 0.27
CA ARG A 107 -1.79 10.84 -1.15
C ARG A 107 -2.24 12.21 -1.57
N GLU A 108 -3.38 12.67 -1.01
CA GLU A 108 -3.88 13.99 -1.35
C GLU A 108 -2.92 15.07 -0.89
N CYS A 109 -2.58 15.08 0.41
CA CYS A 109 -1.63 16.07 0.88
C CYS A 109 -0.33 15.98 0.12
N LEU A 110 0.09 14.76 -0.18
CA LEU A 110 1.33 14.57 -0.90
C LEU A 110 1.30 15.28 -2.23
N ASN A 111 0.18 15.17 -2.97
CA ASN A 111 0.05 15.82 -4.27
C ASN A 111 -0.19 17.32 -4.12
N LEU A 112 -1.03 17.74 -3.15
CA LEU A 112 -1.19 19.17 -2.93
C LEU A 112 0.13 19.83 -2.63
N TRP A 113 0.95 19.22 -1.78
CA TRP A 113 2.21 19.83 -1.40
C TRP A 113 3.21 19.87 -2.53
N GLY A 114 2.92 19.23 -3.66
CA GLY A 114 3.75 19.31 -4.85
C GLY A 114 4.65 18.13 -5.12
N TYR A 115 4.34 16.95 -4.59
CA TYR A 115 5.15 15.76 -4.77
C TYR A 115 4.42 14.76 -5.66
N GLU A 116 5.20 13.88 -6.28
CA GLU A 116 4.69 12.70 -6.96
C GLU A 116 5.09 11.48 -6.14
N ARG A 117 4.11 10.63 -5.81
CA ARG A 117 4.41 9.42 -5.06
C ARG A 117 5.07 8.41 -5.98
N VAL A 118 6.33 8.09 -5.71
CA VAL A 118 7.11 7.20 -6.57
C VAL A 118 7.49 5.90 -5.90
N ASP A 119 7.16 5.72 -4.63
CA ASP A 119 7.42 4.47 -3.94
C ASP A 119 6.52 4.40 -2.73
N GLU A 120 6.49 3.23 -2.12
CA GLU A 120 5.70 3.00 -0.93
C GLU A 120 6.43 1.94 -0.11
N ILE A 121 6.97 2.33 1.02
CA ILE A 121 7.64 1.38 1.92
C ILE A 121 6.59 0.73 2.79
N ILE A 122 6.77 -0.55 3.10
CA ILE A 122 5.96 -1.18 4.15
C ILE A 122 6.89 -1.79 5.18
N TRP A 123 6.54 -1.61 6.43
CA TRP A 123 7.27 -2.19 7.54
C TRP A 123 6.46 -3.38 8.04
N VAL A 124 6.99 -4.58 7.86
CA VAL A 124 6.35 -5.76 8.45
C VAL A 124 6.71 -5.81 9.93
N LYS A 125 5.69 -5.81 10.78
CA LYS A 125 5.85 -5.84 12.23
C LYS A 125 6.16 -7.27 12.71
N THR A 126 7.29 -7.47 13.37
CA THR A 126 7.61 -8.75 13.98
C THR A 126 7.84 -8.58 15.47
N ASN A 127 7.86 -9.70 16.17
CA ASN A 127 8.33 -9.75 17.56
C ASN A 127 9.82 -10.06 17.56
N GLN A 128 10.37 -10.31 18.75
CA GLN A 128 11.79 -10.61 18.86
C GLN A 128 12.16 -11.97 18.27
N LEU A 129 11.17 -12.76 17.82
CA LEU A 129 11.41 -14.05 17.19
C LEU A 129 11.06 -14.05 15.69
N GLN A 130 11.04 -12.89 15.03
CA GLN A 130 10.73 -12.75 13.61
C GLN A 130 9.51 -13.55 13.18
N ARG A 131 8.42 -13.38 13.93
CA ARG A 131 7.09 -13.79 13.50
C ARG A 131 6.20 -12.55 13.46
N ILE A 132 5.21 -12.59 12.58
CA ILE A 132 4.35 -11.44 12.37
C ILE A 132 3.37 -11.29 13.54
N ILE A 133 3.22 -10.06 14.03
CA ILE A 133 2.30 -9.77 15.12
C ILE A 133 0.85 -10.11 14.77
N HIS A 140 -10.08 -3.85 10.12
CA HIS A 140 -11.49 -4.20 10.22
C HIS A 140 -11.77 -5.60 9.65
N TRP A 141 -11.57 -5.77 8.34
CA TRP A 141 -11.77 -7.08 7.70
C TRP A 141 -10.59 -8.01 7.92
N LEU A 142 -9.39 -7.45 7.91
CA LEU A 142 -8.16 -8.20 8.08
C LEU A 142 -7.35 -7.62 9.24
N ASN A 143 -6.66 -8.51 9.94
CA ASN A 143 -5.62 -8.07 10.86
C ASN A 143 -4.50 -7.42 10.05
N HIS A 144 -3.79 -6.48 10.67
CA HIS A 144 -2.79 -5.69 9.97
C HIS A 144 -1.40 -6.11 10.46
N GLY A 145 -0.59 -6.65 9.53
CA GLY A 145 0.79 -6.98 9.82
C GLY A 145 1.82 -5.96 9.39
N LYS A 146 1.43 -4.75 9.03
CA LYS A 146 2.35 -3.85 8.34
C LYS A 146 1.90 -2.40 8.53
N GLU A 147 2.85 -1.48 8.46
CA GLU A 147 2.51 -0.07 8.34
C GLU A 147 3.06 0.47 7.03
N HIS A 148 2.37 1.46 6.47
CA HIS A 148 2.74 2.01 5.18
C HIS A 148 3.38 3.39 5.32
N CYS A 149 4.40 3.62 4.50
CA CYS A 149 5.08 4.91 4.42
C CYS A 149 5.21 5.30 2.94
N LEU A 150 4.54 6.38 2.55
CA LEU A 150 4.57 6.83 1.17
C LEU A 150 5.87 7.55 0.90
N VAL A 151 6.43 7.34 -0.29
CA VAL A 151 7.63 8.05 -0.74
C VAL A 151 7.27 9.00 -1.88
N GLY A 152 7.52 10.29 -1.67
CA GLY A 152 7.25 11.31 -2.68
C GLY A 152 8.53 11.98 -3.14
N VAL A 153 8.59 12.31 -4.42
CA VAL A 153 9.71 13.06 -4.96
C VAL A 153 9.19 14.44 -5.35
N LYS A 154 10.06 15.45 -5.25
CA LYS A 154 9.78 16.84 -5.62
C LYS A 154 10.97 17.37 -6.41
N GLY A 155 10.70 18.16 -7.45
CA GLY A 155 11.79 18.69 -8.26
C GLY A 155 12.53 17.60 -9.01
N ASN A 156 13.84 17.79 -9.15
CA ASN A 156 14.73 16.75 -9.67
C ASN A 156 15.95 16.62 -8.76
N PRO A 157 15.89 15.77 -7.76
CA PRO A 157 17.06 15.55 -6.91
C PRO A 157 18.14 14.80 -7.67
N GLN A 158 19.39 15.17 -7.42
CA GLN A 158 20.52 14.52 -8.04
C GLN A 158 21.53 14.10 -6.98
N GLY A 159 22.33 13.09 -7.33
CA GLY A 159 23.30 12.59 -6.40
C GLY A 159 22.74 11.74 -5.29
N PHE A 160 21.55 11.19 -5.47
CA PHE A 160 21.02 10.28 -4.49
C PHE A 160 21.24 8.87 -4.97
N ASN A 161 21.38 7.96 -4.03
CA ASN A 161 21.68 6.56 -4.35
C ASN A 161 20.40 5.74 -4.36
N GLN A 162 19.56 6.07 -5.33
CA GLN A 162 18.37 5.31 -5.62
C GLN A 162 18.73 3.84 -5.80
N GLY A 163 17.97 2.97 -5.15
CA GLY A 163 18.06 1.54 -5.42
C GLY A 163 18.95 0.74 -4.51
N LEU A 164 19.38 1.29 -3.38
CA LEU A 164 20.22 0.52 -2.48
C LEU A 164 19.41 -0.35 -1.54
N ASP A 165 18.25 0.13 -1.11
CA ASP A 165 17.42 -0.67 -0.23
C ASP A 165 16.17 -1.14 -0.96
N CYS A 166 15.49 -2.11 -0.36
CA CYS A 166 14.22 -2.51 -0.94
CA CYS A 166 14.21 -2.66 -0.78
C CYS A 166 13.08 -1.83 -0.17
N ASP A 167 11.87 -1.98 -0.73
CA ASP A 167 10.73 -1.26 -0.20
C ASP A 167 10.04 -1.99 0.93
N VAL A 168 10.66 -3.04 1.48
CA VAL A 168 10.11 -3.75 2.64
C VAL A 168 11.09 -3.69 3.81
N ILE A 169 10.58 -3.31 4.98
CA ILE A 169 11.33 -3.30 6.22
C ILE A 169 10.79 -4.38 7.12
N VAL A 170 11.69 -5.16 7.73
CA VAL A 170 11.32 -6.17 8.72
C VAL A 170 12.06 -5.85 10.00
N ALA A 171 11.31 -5.67 11.09
CA ALA A 171 11.91 -5.15 12.32
C ALA A 171 10.92 -5.28 13.45
N GLU A 172 11.44 -5.25 14.69
CA GLU A 172 10.63 -5.45 15.87
C GLU A 172 9.85 -4.19 16.25
N VAL A 173 8.63 -4.40 16.78
CA VAL A 173 7.80 -3.33 17.33
C VAL A 173 8.32 -2.91 18.70
N ARG A 174 8.42 -1.61 18.93
CA ARG A 174 8.78 -1.06 20.24
C ARG A 174 7.54 -0.38 20.83
N SER A 175 7.60 0.88 21.23
CA SER A 175 6.43 1.53 21.80
C SER A 175 5.33 1.64 20.76
N THR A 176 4.10 1.82 21.23
CA THR A 176 3.01 2.14 20.33
C THR A 176 3.29 3.51 19.71
N SER A 177 3.27 3.57 18.38
CA SER A 177 3.54 4.79 17.63
C SER A 177 5.02 5.06 17.44
N HIS A 178 5.86 4.04 17.59
CA HIS A 178 7.30 4.20 17.56
C HIS A 178 7.86 3.57 16.30
N LYS A 179 8.56 4.37 15.47
CA LYS A 179 8.99 3.96 14.13
C LYS A 179 10.32 3.20 14.17
N PRO A 180 10.56 2.31 13.20
CA PRO A 180 11.81 1.52 13.22
C PRO A 180 12.99 2.35 12.76
N ASP A 181 14.10 2.23 13.51
CA ASP A 181 15.32 2.95 13.16
C ASP A 181 15.86 2.59 11.80
N GLU A 182 15.41 1.47 11.22
CA GLU A 182 15.85 1.09 9.89
C GLU A 182 15.54 2.17 8.83
N ILE A 183 14.45 2.93 9.00
CA ILE A 183 14.10 3.97 8.03
C ILE A 183 15.20 5.04 7.97
N TYR A 184 15.82 5.36 9.12
CA TYR A 184 16.91 6.34 9.10
C TYR A 184 18.13 5.78 8.37
N GLY A 185 18.41 4.49 8.56
CA GLY A 185 19.52 3.89 7.81
C GLY A 185 19.26 3.89 6.32
N MET A 186 18.04 3.49 5.92
CA MET A 186 17.64 3.57 4.52
C MET A 186 17.75 5.01 4.01
N ILE A 187 17.27 5.98 4.79
CA ILE A 187 17.27 7.36 4.29
C ILE A 187 18.69 7.89 4.23
N GLU A 188 19.57 7.44 5.14
CA GLU A 188 20.97 7.84 5.09
C GLU A 188 21.67 7.31 3.85
N ARG A 189 21.53 6.02 3.55
CA ARG A 189 22.15 5.49 2.34
C ARG A 189 21.59 6.18 1.10
N LEU A 190 20.32 6.60 1.12
CA LEU A 190 19.72 7.21 -0.05
C LEU A 190 20.32 8.59 -0.32
N SER A 191 20.51 9.38 0.72
CA SER A 191 20.99 10.75 0.57
C SER A 191 21.93 11.04 1.74
N PRO A 192 23.16 10.54 1.67
CA PRO A 192 24.07 10.66 2.82
C PRO A 192 24.60 12.08 2.98
N GLY A 193 24.72 12.48 4.25
CA GLY A 193 25.29 13.76 4.64
C GLY A 193 24.40 14.96 4.47
N THR A 194 23.20 14.79 3.93
CA THR A 194 22.33 15.91 3.62
C THR A 194 21.47 16.28 4.82
N ARG A 195 20.93 17.51 4.80
CA ARG A 195 20.03 17.93 5.88
C ARG A 195 18.66 17.29 5.74
N LYS A 196 18.13 16.81 6.86
CA LYS A 196 16.85 16.13 6.90
C LYS A 196 16.02 16.69 8.05
N ILE A 197 14.71 16.72 7.84
CA ILE A 197 13.79 17.21 8.85
C ILE A 197 12.66 16.20 9.02
N GLU A 198 12.33 15.91 10.28
CA GLU A 198 11.22 15.06 10.66
C GLU A 198 10.15 15.93 11.33
N LEU A 199 8.89 15.73 10.94
CA LEU A 199 7.76 16.39 11.55
C LEU A 199 6.94 15.40 12.38
N PHE A 200 6.49 15.86 13.55
CA PHE A 200 5.76 15.03 14.50
C PHE A 200 6.61 13.88 15.03
N GLY A 201 7.91 14.10 15.18
CA GLY A 201 8.73 13.13 15.86
C GLY A 201 8.67 13.28 17.36
N ARG A 202 9.03 12.22 18.05
CA ARG A 202 9.15 12.18 19.49
C ARG A 202 10.61 12.08 19.90
N PRO A 203 10.92 12.30 21.20
CA PRO A 203 12.34 12.40 21.60
C PRO A 203 13.25 11.27 21.12
N HIS A 204 12.78 10.01 21.08
CA HIS A 204 13.63 8.94 20.60
C HIS A 204 13.96 9.09 19.11
N ASN A 205 13.19 9.87 18.36
CA ASN A 205 13.43 10.00 16.93
C ASN A 205 14.60 10.91 16.56
N VAL A 206 15.18 11.66 17.51
CA VAL A 206 16.22 12.63 17.13
C VAL A 206 17.45 11.89 16.63
N GLN A 207 18.05 12.40 15.55
CA GLN A 207 19.15 11.71 14.90
C GLN A 207 20.14 12.73 14.36
N PRO A 208 21.42 12.35 14.22
CA PRO A 208 22.37 13.20 13.49
C PRO A 208 21.84 13.48 12.10
N ASN A 209 22.18 14.66 11.60
CA ASN A 209 21.74 15.23 10.32
C ASN A 209 20.25 15.56 10.30
N TRP A 210 19.53 15.32 11.38
CA TRP A 210 18.08 15.50 11.42
C TRP A 210 17.71 16.62 12.38
N ILE A 211 16.83 17.50 11.93
CA ILE A 211 16.10 18.41 12.79
C ILE A 211 14.74 17.79 13.05
N THR A 212 14.36 17.65 14.30
CA THR A 212 13.10 17.02 14.67
C THR A 212 12.12 18.08 15.18
N LEU A 213 10.91 18.07 14.64
CA LEU A 213 9.86 18.94 15.13
C LEU A 213 8.77 18.08 15.76
N GLY A 214 8.19 18.58 16.84
CA GLY A 214 7.20 17.82 17.58
C GLY A 214 6.89 18.50 18.89
N ASN A 215 5.66 18.37 19.37
CA ASN A 215 5.23 19.08 20.56
C ASN A 215 5.55 18.34 21.86
N GLN A 216 6.11 17.14 21.78
CA GLN A 216 6.55 16.41 22.97
C GLN A 216 8.08 16.35 23.07
N LEU A 217 8.79 17.15 22.29
CA LEU A 217 10.23 17.25 22.49
C LEU A 217 10.53 18.18 23.67
N ASP A 218 11.79 18.13 24.14
CA ASP A 218 12.23 18.88 25.32
C ASP A 218 12.79 20.21 24.84
N GLY A 219 11.95 21.24 24.82
CA GLY A 219 12.41 22.57 24.48
C GLY A 219 12.98 22.69 23.08
N ILE A 220 14.07 23.46 22.97
CA ILE A 220 14.72 23.80 21.71
C ILE A 220 16.19 23.40 21.79
N HIS A 221 16.72 22.84 20.70
CA HIS A 221 18.14 22.47 20.69
C HIS A 221 18.68 22.67 19.27
N LEU A 222 19.25 23.84 19.00
CA LEU A 222 19.63 24.22 17.66
C LEU A 222 21.12 24.54 17.59
N LEU A 223 21.82 23.91 16.66
CA LEU A 223 23.25 24.06 16.51
C LEU A 223 23.67 24.63 15.18
N ASP A 224 22.93 24.37 14.11
CA ASP A 224 23.23 24.98 12.83
C ASP A 224 23.22 26.50 12.99
N PRO A 225 24.32 27.19 12.69
CA PRO A 225 24.36 28.65 12.88
C PRO A 225 23.32 29.42 12.09
N ASP A 226 23.25 29.22 10.76
CA ASP A 226 22.25 29.90 9.94
C ASP A 226 20.83 29.68 10.46
N VAL A 227 20.57 28.52 11.06
CA VAL A 227 19.25 28.24 11.62
C VAL A 227 19.07 28.98 12.94
N VAL A 228 20.09 28.95 13.80
CA VAL A 228 20.04 29.76 15.02
C VAL A 228 19.81 31.23 14.68
N ALA A 229 20.53 31.73 13.67
CA ALA A 229 20.36 33.11 13.22
C ALA A 229 18.92 33.43 12.82
N ARG A 230 18.40 32.72 11.82
CA ARG A 230 17.04 32.99 11.36
C ARG A 230 16.02 32.73 12.46
N PHE A 231 16.35 31.84 13.41
CA PHE A 231 15.45 31.62 14.54
C PHE A 231 15.38 32.85 15.43
N LYS A 232 16.54 33.38 15.84
CA LYS A 232 16.54 34.55 16.70
C LYS A 232 15.87 35.75 16.04
N GLN A 233 16.12 35.95 14.73
CA GLN A 233 15.44 37.02 13.98
C GLN A 233 13.93 36.85 14.01
N ARG A 234 13.43 35.64 13.73
CA ARG A 234 11.99 35.42 13.67
C ARG A 234 11.36 35.31 15.05
N TYR A 235 12.10 34.80 16.04
CA TYR A 235 11.60 34.61 17.40
C TYR A 235 12.60 35.18 18.40
N PRO A 236 12.63 36.52 18.56
CA PRO A 236 13.61 37.13 19.47
C PRO A 236 13.34 36.82 20.94
N ASP A 237 12.09 36.96 21.37
CA ASP A 237 11.73 36.61 22.74
C ASP A 237 11.58 35.11 22.95
N GLY A 238 11.81 34.30 21.92
CA GLY A 238 11.89 32.86 22.07
C GLY A 238 10.59 32.13 22.32
N ILE A 239 9.47 32.63 21.80
CA ILE A 239 8.17 31.98 21.95
C ILE A 239 7.53 31.81 20.57
N ILE A 240 6.64 30.83 20.46
CA ILE A 240 6.04 30.50 19.16
C ILE A 240 4.56 30.13 19.29
N SER A 241 3.67 31.11 19.12
CA SER A 241 2.22 30.87 19.22
C SER A 241 1.50 31.56 18.08
N LYS A 242 0.26 31.11 17.84
CA LYS A 242 -0.62 31.65 16.78
C LYS A 242 0.06 31.79 15.42
N ASN B 12 19.63 -6.29 14.91
CA ASN B 12 19.76 -6.93 13.61
C ASN B 12 19.03 -6.14 12.51
N ASP B 13 19.78 -5.34 11.75
CA ASP B 13 19.25 -4.49 10.68
C ASP B 13 19.14 -5.30 9.40
N TYR B 14 17.91 -5.67 9.03
CA TYR B 14 17.72 -6.48 7.83
C TYR B 14 17.86 -5.68 6.55
N CYS B 15 17.74 -4.36 6.62
CA CYS B 15 17.96 -3.52 5.45
C CYS B 15 19.45 -3.41 5.16
N GLN B 16 20.23 -3.09 6.20
CA GLN B 16 21.68 -3.17 6.12
C GLN B 16 22.09 -4.53 5.56
N HIS B 17 21.54 -5.60 6.12
CA HIS B 17 21.83 -6.94 5.63
C HIS B 17 21.50 -7.08 4.15
N PHE B 18 20.36 -6.52 3.70
CA PHE B 18 20.02 -6.65 2.28
C PHE B 18 21.01 -5.89 1.41
N VAL B 19 21.42 -4.69 1.83
CA VAL B 19 22.45 -3.96 1.10
C VAL B 19 23.75 -4.78 1.05
N ASP B 20 24.05 -5.52 2.12
CA ASP B 20 25.30 -6.28 2.21
C ASP B 20 25.26 -7.56 1.38
N THR B 21 24.14 -8.29 1.41
CA THR B 21 24.09 -9.67 0.96
C THR B 21 23.17 -9.93 -0.23
N GLY B 22 22.24 -9.03 -0.53
CA GLY B 22 21.22 -9.29 -1.54
C GLY B 22 19.97 -10.00 -1.05
N HIS B 23 19.92 -10.37 0.23
CA HIS B 23 18.76 -11.04 0.83
C HIS B 23 17.74 -9.99 1.31
N ARG B 24 16.58 -9.97 0.67
CA ARG B 24 15.54 -9.04 1.09
C ARG B 24 15.13 -9.31 2.54
N PRO B 25 14.80 -8.27 3.30
CA PRO B 25 14.40 -8.47 4.71
C PRO B 25 13.34 -9.54 4.89
N GLN B 26 12.38 -9.65 3.97
CA GLN B 26 11.30 -10.60 4.14
C GLN B 26 11.79 -12.05 4.16
N ASN B 27 12.99 -12.32 3.63
CA ASN B 27 13.58 -13.65 3.65
C ASN B 27 13.66 -14.23 5.07
N PHE B 28 13.69 -13.38 6.10
CA PHE B 28 13.91 -13.85 7.46
C PHE B 28 12.64 -13.85 8.31
N ILE B 29 11.48 -13.58 7.72
CA ILE B 29 10.25 -13.80 8.45
C ILE B 29 10.07 -15.30 8.62
N ARG B 30 9.78 -15.73 9.84
CA ARG B 30 9.59 -17.14 10.10
C ARG B 30 8.09 -17.46 10.15
N ASP B 31 7.77 -18.73 9.83
CA ASP B 31 6.41 -19.26 9.84
C ASP B 31 5.59 -18.70 8.68
N VAL B 32 5.68 -19.36 7.53
CA VAL B 32 4.97 -18.97 6.30
C VAL B 32 5.38 -17.58 5.84
N ILE B 48 -10.95 -24.13 11.60
CA ILE B 48 -10.58 -23.42 10.38
C ILE B 48 -10.78 -24.33 9.18
N ARG B 49 -10.53 -25.62 9.40
CA ARG B 49 -10.68 -26.59 8.33
C ARG B 49 -12.14 -26.74 7.93
N LEU B 50 -13.03 -26.96 8.90
CA LEU B 50 -14.45 -27.14 8.60
C LEU B 50 -15.00 -25.98 7.78
N LYS B 51 -14.52 -24.76 8.04
CA LYS B 51 -14.95 -23.61 7.26
C LYS B 51 -14.58 -23.78 5.79
N ASP B 52 -13.35 -24.20 5.51
CA ASP B 52 -12.97 -24.53 4.13
C ASP B 52 -13.89 -25.60 3.54
N GLU B 53 -14.27 -26.60 4.36
CA GLU B 53 -15.20 -27.61 3.88
C GLU B 53 -16.55 -27.00 3.52
N LEU B 54 -17.03 -26.07 4.36
CA LEU B 54 -18.30 -25.41 4.08
C LEU B 54 -18.21 -24.54 2.84
N ILE B 55 -17.08 -23.89 2.62
CA ILE B 55 -16.89 -23.15 1.37
C ILE B 55 -16.86 -24.12 0.20
N ALA B 56 -16.09 -25.20 0.34
CA ALA B 56 -15.99 -26.17 -0.75
C ALA B 56 -17.32 -26.85 -1.05
N LYS B 57 -18.18 -27.02 -0.03
CA LYS B 57 -19.47 -27.66 -0.28
C LYS B 57 -20.39 -26.74 -1.10
N SER B 58 -20.47 -25.47 -0.70
CA SER B 58 -21.38 -24.54 -1.36
C SER B 58 -20.83 -23.94 -2.65
N ASN B 59 -19.62 -24.31 -3.08
CA ASN B 59 -19.06 -23.76 -4.32
C ASN B 59 -19.85 -24.20 -5.55
N THR B 60 -20.24 -23.22 -6.37
CA THR B 60 -20.75 -23.52 -7.70
C THR B 60 -19.68 -24.25 -8.50
N PRO B 61 -20.06 -24.99 -9.53
CA PRO B 61 -19.07 -25.54 -10.45
C PRO B 61 -18.28 -24.42 -11.10
N PRO B 62 -16.99 -24.62 -11.35
CA PRO B 62 -16.21 -23.58 -12.03
C PRO B 62 -16.84 -23.26 -13.39
N MET B 63 -17.02 -21.99 -13.65
CA MET B 63 -17.47 -21.53 -14.95
C MET B 63 -16.47 -20.53 -15.50
N TYR B 64 -16.36 -20.50 -16.82
CA TYR B 64 -15.27 -19.78 -17.46
C TYR B 64 -15.73 -19.44 -18.86
N LEU B 65 -15.31 -18.26 -19.34
CA LEU B 65 -15.65 -17.78 -20.67
C LEU B 65 -14.47 -17.04 -21.27
N GLN B 66 -14.08 -17.43 -22.47
CA GLN B 66 -13.13 -16.68 -23.28
C GLN B 66 -13.77 -15.42 -23.82
N ALA B 67 -13.19 -14.26 -23.50
CA ALA B 67 -13.75 -13.00 -23.95
C ALA B 67 -12.62 -12.00 -24.07
N ASP B 68 -12.65 -11.21 -25.14
CA ASP B 68 -11.72 -10.10 -25.31
C ASP B 68 -12.37 -8.91 -24.63
N ILE B 69 -11.89 -8.59 -23.42
CA ILE B 69 -12.65 -7.76 -22.49
C ILE B 69 -12.72 -6.30 -22.98
N GLU B 70 -11.69 -5.84 -23.69
CA GLU B 70 -11.74 -4.50 -24.26
C GLU B 70 -12.88 -4.38 -25.26
N ALA B 71 -13.12 -5.43 -26.05
CA ALA B 71 -14.07 -5.43 -27.14
C ALA B 71 -15.40 -6.06 -26.75
N PHE B 72 -15.61 -6.29 -25.46
CA PHE B 72 -16.71 -7.11 -24.97
C PHE B 72 -17.56 -6.24 -24.06
N ASP B 73 -18.84 -6.10 -24.38
CA ASP B 73 -19.73 -5.37 -23.49
C ASP B 73 -19.86 -6.18 -22.20
N ILE B 74 -19.24 -5.70 -21.13
CA ILE B 74 -19.22 -6.44 -19.87
C ILE B 74 -20.63 -6.62 -19.29
N ARG B 75 -21.62 -5.91 -19.82
CA ARG B 75 -22.99 -5.98 -19.27
C ARG B 75 -23.62 -7.37 -19.43
N GLU B 76 -23.28 -8.12 -20.53
CA GLU B 76 -23.85 -9.48 -20.71
C GLU B 76 -23.24 -10.53 -19.74
N LEU B 77 -22.41 -10.10 -18.79
CA LEU B 77 -22.04 -10.91 -17.65
C LEU B 77 -23.05 -10.61 -16.54
N THR B 78 -23.90 -11.56 -16.24
CA THR B 78 -24.93 -11.41 -15.22
C THR B 78 -25.03 -12.71 -14.43
N PRO B 79 -25.57 -12.66 -13.20
CA PRO B 79 -26.11 -11.45 -12.55
C PRO B 79 -25.00 -10.52 -12.05
N LYS B 80 -25.38 -9.43 -11.40
CA LYS B 80 -24.44 -8.64 -10.64
C LYS B 80 -23.66 -9.55 -9.68
N PHE B 81 -22.39 -9.23 -9.45
CA PHE B 81 -21.48 -10.09 -8.69
C PHE B 81 -21.33 -9.62 -7.24
N ASP B 82 -21.14 -10.58 -6.33
CA ASP B 82 -20.82 -10.16 -4.96
C ASP B 82 -19.35 -9.80 -4.79
N VAL B 83 -18.46 -10.47 -5.53
CA VAL B 83 -17.03 -10.27 -5.42
C VAL B 83 -16.45 -10.20 -6.83
N ILE B 84 -15.57 -9.23 -7.05
CA ILE B 84 -14.86 -9.13 -8.32
C ILE B 84 -13.37 -9.11 -8.05
N LEU B 85 -12.64 -9.97 -8.76
CA LEU B 85 -11.21 -10.11 -8.64
C LEU B 85 -10.67 -9.69 -9.99
N LEU B 86 -9.91 -8.61 -10.00
CA LEU B 86 -9.62 -7.93 -11.25
C LEU B 86 -8.11 -7.87 -11.36
N GLU B 87 -7.60 -8.56 -12.36
CA GLU B 87 -6.17 -8.87 -12.47
C GLU B 87 -5.69 -8.48 -13.86
N PRO B 88 -5.78 -7.19 -14.19
CA PRO B 88 -5.42 -6.76 -15.54
C PRO B 88 -3.94 -6.98 -15.81
N PRO B 89 -3.56 -7.31 -17.02
CA PRO B 89 -2.14 -7.55 -17.32
C PRO B 89 -1.34 -6.26 -17.47
N LEU B 90 -0.62 -5.88 -16.42
CA LEU B 90 0.09 -4.62 -16.42
C LEU B 90 1.39 -4.74 -17.20
N GLU B 91 1.70 -3.67 -17.94
CA GLU B 91 2.96 -3.57 -18.67
C GLU B 91 4.15 -3.92 -17.78
N GLU B 92 4.10 -3.52 -16.50
CA GLU B 92 5.22 -3.76 -15.61
C GLU B 92 5.40 -5.24 -15.28
N TYR B 93 4.37 -6.06 -15.46
CA TYR B 93 4.52 -7.49 -15.15
C TYR B 93 5.51 -8.17 -16.08
N TYR B 94 5.87 -7.54 -17.20
CA TYR B 94 6.76 -8.12 -18.21
C TYR B 94 8.09 -7.36 -18.20
N ARG B 95 9.12 -7.99 -17.62
CA ARG B 95 10.47 -7.40 -17.57
C ARG B 95 11.54 -8.44 -17.93
N LYS B 104 -0.90 -8.61 -25.20
CA LYS B 104 -1.58 -7.31 -25.07
C LYS B 104 -1.57 -6.82 -23.62
N CYS B 105 -0.74 -5.82 -23.32
CA CYS B 105 -0.74 -5.24 -21.99
C CYS B 105 -1.90 -4.25 -21.86
N TRP B 106 -2.40 -4.09 -20.63
CA TRP B 106 -3.45 -3.12 -20.33
C TRP B 106 -2.85 -1.95 -19.57
N THR B 107 -3.04 -0.74 -20.09
CA THR B 107 -2.65 0.46 -19.36
C THR B 107 -3.74 0.80 -18.35
N TRP B 108 -3.37 1.62 -17.35
CA TRP B 108 -4.39 2.05 -16.41
C TRP B 108 -5.44 2.88 -17.12
N ASP B 109 -5.06 3.49 -18.25
CA ASP B 109 -6.02 4.15 -19.11
C ASP B 109 -7.12 3.18 -19.52
N ASP B 110 -6.74 1.99 -19.99
CA ASP B 110 -7.70 0.98 -20.40
C ASP B 110 -8.51 0.48 -19.22
N ILE B 111 -7.84 0.22 -18.10
CA ILE B 111 -8.51 -0.35 -16.94
C ILE B 111 -9.58 0.59 -16.45
N MET B 112 -9.23 1.88 -16.36
CA MET B 112 -10.14 2.90 -15.87
C MET B 112 -11.40 3.03 -16.73
N LYS B 113 -11.35 2.62 -17.99
CA LYS B 113 -12.53 2.71 -18.83
C LYS B 113 -13.42 1.47 -18.74
N LEU B 114 -13.04 0.47 -17.95
CA LEU B 114 -13.91 -0.68 -17.75
C LEU B 114 -15.13 -0.28 -16.95
N GLU B 115 -16.30 -0.80 -17.33
CA GLU B 115 -17.55 -0.40 -16.68
C GLU B 115 -17.87 -1.29 -15.47
N ILE B 116 -16.90 -1.45 -14.58
CA ILE B 116 -17.01 -2.42 -13.49
C ILE B 116 -18.27 -2.21 -12.68
N ASP B 117 -18.71 -0.96 -12.51
CA ASP B 117 -19.86 -0.64 -11.69
C ASP B 117 -21.15 -1.21 -12.27
N GLU B 118 -21.16 -1.54 -13.56
CA GLU B 118 -22.36 -2.06 -14.17
C GLU B 118 -22.60 -3.53 -13.87
N ILE B 119 -21.60 -4.26 -13.38
CA ILE B 119 -21.80 -5.66 -13.08
C ILE B 119 -21.62 -5.95 -11.60
N ALA B 120 -21.42 -4.93 -10.77
CA ALA B 120 -21.25 -5.13 -9.34
C ALA B 120 -22.60 -5.09 -8.61
N ALA B 121 -22.82 -6.05 -7.71
CA ALA B 121 -24.02 -5.98 -6.89
C ALA B 121 -23.97 -4.75 -6.00
N PRO B 122 -25.14 -4.21 -5.63
CA PRO B 122 -25.17 -2.96 -4.85
C PRO B 122 -24.37 -3.04 -3.56
N ARG B 123 -24.35 -4.19 -2.91
CA ARG B 123 -23.37 -4.48 -1.87
C ARG B 123 -22.47 -5.54 -2.45
N SER B 124 -21.22 -5.18 -2.73
CA SER B 124 -20.27 -6.10 -3.33
C SER B 124 -18.86 -5.65 -2.97
N PHE B 125 -17.89 -6.46 -3.37
CA PHE B 125 -16.50 -6.29 -3.01
C PHE B 125 -15.64 -6.45 -4.26
N ILE B 126 -14.54 -5.72 -4.32
CA ILE B 126 -13.61 -5.84 -5.43
C ILE B 126 -12.21 -6.08 -4.89
N PHE B 127 -11.44 -6.91 -5.58
CA PHE B 127 -10.03 -7.15 -5.28
C PHE B 127 -9.27 -6.87 -6.56
N LEU B 128 -8.46 -5.80 -6.54
CA LEU B 128 -7.81 -5.25 -7.72
C LEU B 128 -6.30 -5.31 -7.52
N TRP B 129 -5.61 -6.04 -8.40
CA TRP B 129 -4.16 -6.13 -8.35
C TRP B 129 -3.59 -4.90 -9.03
N CYS B 130 -2.78 -4.13 -8.31
CA CYS B 130 -2.32 -2.83 -8.77
C CYS B 130 -0.83 -2.77 -9.04
N GLY B 131 -0.10 -3.85 -8.79
CA GLY B 131 1.32 -3.88 -9.05
C GLY B 131 2.04 -3.16 -7.94
N SER B 132 3.02 -2.34 -8.31
CA SER B 132 3.79 -1.59 -7.32
C SER B 132 4.20 -0.22 -7.83
N GLY B 133 3.69 0.24 -8.96
CA GLY B 133 4.06 1.54 -9.46
C GLY B 133 2.91 2.50 -9.36
N GLU B 134 2.61 3.17 -10.47
CA GLU B 134 1.50 4.13 -10.54
C GLU B 134 0.16 3.50 -10.24
N GLY B 135 0.03 2.17 -10.43
CA GLY B 135 -1.23 1.51 -10.14
C GLY B 135 -1.66 1.66 -8.70
N LEU B 136 -0.71 1.90 -7.81
CA LEU B 136 -1.05 2.14 -6.42
C LEU B 136 -1.89 3.40 -6.26
N ASP B 137 -1.76 4.36 -7.17
CA ASP B 137 -2.60 5.55 -7.17
C ASP B 137 -3.76 5.44 -8.15
N LEU B 138 -3.45 5.01 -9.38
CA LEU B 138 -4.47 4.93 -10.43
C LEU B 138 -5.53 3.89 -10.07
N GLY B 139 -5.12 2.78 -9.44
CA GLY B 139 -6.07 1.79 -8.97
C GLY B 139 -7.00 2.32 -7.90
N ARG B 140 -6.50 3.25 -7.08
CA ARG B 140 -7.40 3.89 -6.11
C ARG B 140 -8.39 4.79 -6.83
N VAL B 141 -7.95 5.46 -7.91
CA VAL B 141 -8.89 6.23 -8.73
C VAL B 141 -9.98 5.31 -9.26
N CYS B 142 -9.59 4.16 -9.80
CA CYS B 142 -10.56 3.20 -10.31
C CYS B 142 -11.58 2.82 -9.25
N LEU B 143 -11.11 2.42 -8.06
CA LEU B 143 -12.03 2.02 -7.01
C LEU B 143 -13.11 3.07 -6.76
N ARG B 144 -12.69 4.33 -6.62
CA ARG B 144 -13.66 5.41 -6.43
C ARG B 144 -14.51 5.61 -7.67
N LYS B 145 -13.90 5.54 -8.85
CA LYS B 145 -14.67 5.70 -10.08
C LYS B 145 -15.82 4.71 -10.14
N TRP B 146 -15.55 3.45 -9.82
CA TRP B 146 -16.51 2.35 -9.87
C TRP B 146 -17.44 2.32 -8.66
N GLY B 147 -17.23 3.17 -7.68
CA GLY B 147 -18.16 3.29 -6.57
C GLY B 147 -17.76 2.60 -5.29
N TYR B 148 -16.50 2.19 -5.14
CA TYR B 148 -16.04 1.53 -3.93
C TYR B 148 -15.17 2.47 -3.11
N ARG B 149 -15.09 2.20 -1.82
CA ARG B 149 -14.07 2.78 -0.96
C ARG B 149 -13.13 1.68 -0.48
N ARG B 150 -11.85 2.00 -0.40
CA ARG B 150 -10.87 1.00 0.01
C ARG B 150 -11.01 0.68 1.48
N CYS B 151 -10.96 -0.61 1.80
CA CYS B 151 -10.91 -1.01 3.19
C CYS B 151 -9.73 -1.88 3.55
N GLU B 152 -9.03 -2.48 2.59
CA GLU B 152 -7.80 -3.19 2.92
C GLU B 152 -6.80 -3.03 1.80
N ASP B 153 -5.54 -3.06 2.17
CA ASP B 153 -4.41 -2.99 1.26
C ASP B 153 -3.64 -4.27 1.54
N ILE B 154 -3.86 -5.28 0.71
CA ILE B 154 -3.21 -6.57 0.89
C ILE B 154 -1.91 -6.55 0.11
N CYS B 155 -0.81 -6.91 0.76
N CYS B 155 -0.81 -6.89 0.77
CA CYS B 155 0.51 -6.79 0.16
CA CYS B 155 0.52 -6.82 0.18
C CYS B 155 1.12 -8.17 -0.05
C CYS B 155 1.06 -8.22 -0.07
N TRP B 156 1.50 -8.46 -1.29
CA TRP B 156 2.19 -9.69 -1.65
C TRP B 156 3.68 -9.39 -1.58
N ILE B 157 4.32 -9.84 -0.53
CA ILE B 157 5.73 -9.64 -0.29
C ILE B 157 6.50 -10.80 -0.90
N LYS B 158 7.49 -10.51 -1.74
CA LYS B 158 8.15 -11.55 -2.53
C LYS B 158 9.57 -11.81 -2.02
N THR B 159 9.77 -12.96 -1.37
CA THR B 159 11.10 -13.38 -0.95
C THR B 159 11.97 -13.77 -2.15
N ASN B 160 13.28 -13.58 -2.00
CA ASN B 160 14.28 -13.97 -3.00
C ASN B 160 15.31 -14.95 -2.40
N LYS B 161 14.84 -15.87 -1.54
CA LYS B 161 15.73 -16.81 -0.88
C LYS B 161 16.52 -17.65 -1.89
N ASN B 162 15.94 -17.89 -3.07
CA ASN B 162 16.61 -18.66 -4.11
C ASN B 162 17.39 -17.78 -5.08
N ASN B 163 17.53 -16.48 -4.82
CA ASN B 163 18.21 -15.68 -5.83
C ASN B 163 18.81 -14.39 -5.28
N PRO B 164 19.66 -14.44 -4.24
CA PRO B 164 20.30 -13.20 -3.80
C PRO B 164 21.21 -12.60 -4.88
N LEU B 170 14.45 -1.88 -12.64
CA LEU B 170 14.12 -0.66 -11.92
C LEU B 170 13.33 0.35 -12.77
N ASP B 171 12.10 0.61 -12.37
CA ASP B 171 11.38 1.79 -12.85
C ASP B 171 12.26 3.02 -12.62
N PRO B 172 12.40 3.90 -13.62
CA PRO B 172 13.22 5.11 -13.42
C PRO B 172 12.76 5.97 -12.26
N LYS B 173 11.44 6.16 -12.10
CA LYS B 173 10.95 6.93 -10.98
C LYS B 173 11.21 6.27 -9.65
N ALA B 174 11.60 5.00 -9.63
CA ALA B 174 11.76 4.28 -8.38
C ALA B 174 12.91 4.85 -7.55
N VAL B 175 12.68 4.88 -6.25
CA VAL B 175 13.69 5.23 -5.29
C VAL B 175 14.26 3.98 -4.62
N PHE B 176 13.46 2.94 -4.45
CA PHE B 176 13.92 1.72 -3.83
C PHE B 176 13.64 0.57 -4.76
N GLN B 177 14.28 -0.55 -4.46
CA GLN B 177 13.97 -1.79 -5.17
C GLN B 177 12.59 -2.25 -4.74
N ARG B 178 11.75 -2.62 -5.72
CA ARG B 178 10.37 -3.00 -5.44
C ARG B 178 10.26 -4.52 -5.34
N THR B 179 9.84 -5.00 -4.17
CA THR B 179 9.82 -6.43 -3.87
C THR B 179 8.43 -6.92 -3.50
N LYS B 180 7.39 -6.14 -3.81
CA LYS B 180 6.04 -6.45 -3.41
C LYS B 180 5.07 -6.00 -4.52
N GLU B 181 3.84 -6.53 -4.44
CA GLU B 181 2.70 -6.04 -5.21
C GLU B 181 1.54 -5.82 -4.26
N HIS B 182 0.66 -4.88 -4.60
CA HIS B 182 -0.50 -4.58 -3.78
C HIS B 182 -1.78 -5.06 -4.46
N CYS B 183 -2.67 -5.65 -3.68
CA CYS B 183 -4.01 -5.99 -4.11
C CYS B 183 -4.97 -5.23 -3.20
N LEU B 184 -5.66 -4.24 -3.77
CA LEU B 184 -6.54 -3.39 -2.98
C LEU B 184 -7.93 -3.99 -2.89
N MET B 185 -8.54 -3.89 -1.71
CA MET B 185 -9.86 -4.44 -1.44
C MET B 185 -10.86 -3.31 -1.33
N GLY B 186 -11.96 -3.40 -2.06
CA GLY B 186 -12.97 -2.37 -2.09
C GLY B 186 -14.32 -2.90 -1.63
N ILE B 187 -15.07 -2.03 -0.96
CA ILE B 187 -16.45 -2.30 -0.59
C ILE B 187 -17.33 -1.20 -1.16
N LYS B 188 -18.55 -1.58 -1.58
CA LYS B 188 -19.57 -0.61 -1.94
C LYS B 188 -20.86 -1.02 -1.25
N GLY B 189 -21.54 -0.06 -0.68
CA GLY B 189 -22.75 -0.39 0.05
C GLY B 189 -22.42 -0.76 1.48
N THR B 190 -23.42 -1.31 2.16
CA THR B 190 -23.29 -1.68 3.56
C THR B 190 -22.84 -3.14 3.71
N VAL B 204 -9.76 -13.56 10.57
CA VAL B 204 -8.92 -14.76 10.53
C VAL B 204 -7.59 -14.49 9.84
N ASP B 205 -7.65 -13.91 8.65
CA ASP B 205 -6.48 -13.66 7.82
C ASP B 205 -5.84 -12.31 8.13
N ILE B 206 -4.57 -12.19 7.70
CA ILE B 206 -3.83 -10.94 7.81
C ILE B 206 -3.71 -10.36 6.39
N ASP B 207 -3.17 -9.15 6.27
CA ASP B 207 -3.11 -8.46 4.99
C ASP B 207 -1.76 -8.61 4.30
N LEU B 208 -1.09 -9.74 4.51
CA LEU B 208 0.22 -10.02 3.92
C LEU B 208 0.19 -11.41 3.30
N ILE B 209 0.74 -11.54 2.10
CA ILE B 209 0.99 -12.82 1.45
C ILE B 209 2.48 -12.90 1.17
N ILE B 210 3.17 -13.87 1.76
CA ILE B 210 4.62 -14.00 1.62
C ILE B 210 4.90 -15.25 0.81
N THR B 211 5.51 -15.09 -0.36
CA THR B 211 5.97 -16.20 -1.19
C THR B 211 7.23 -15.75 -1.92
N GLU B 212 7.89 -16.71 -2.55
CA GLU B 212 9.08 -16.44 -3.33
C GLU B 212 8.71 -15.74 -4.64
N GLU B 213 9.51 -14.75 -5.01
CA GLU B 213 9.55 -14.14 -6.33
C GLU B 213 9.37 -15.22 -7.39
N PRO B 214 8.28 -15.20 -8.15
CA PRO B 214 8.13 -16.17 -9.25
C PRO B 214 9.20 -15.98 -10.31
N GLU B 215 9.38 -17.03 -11.12
CA GLU B 215 10.35 -17.01 -12.22
C GLU B 215 10.01 -15.88 -13.19
N ILE B 216 11.03 -15.42 -13.91
CA ILE B 216 10.81 -14.27 -14.78
C ILE B 216 9.74 -14.65 -15.80
N GLY B 217 8.94 -13.65 -16.18
CA GLY B 217 7.84 -13.88 -17.10
C GLY B 217 6.66 -14.63 -16.52
N ASN B 218 6.75 -15.14 -15.30
CA ASN B 218 5.58 -15.73 -14.67
C ASN B 218 4.79 -14.61 -13.99
N ILE B 219 3.54 -14.43 -14.44
CA ILE B 219 2.67 -13.36 -13.95
C ILE B 219 1.65 -13.86 -12.95
N GLU B 220 1.68 -15.14 -12.57
CA GLU B 220 0.64 -15.67 -11.70
C GLU B 220 0.64 -14.94 -10.36
N LYS B 221 -0.53 -14.62 -9.90
CA LYS B 221 -0.50 -14.10 -8.54
C LYS B 221 -0.71 -15.26 -7.58
N PRO B 222 -0.26 -15.15 -6.33
CA PRO B 222 -0.36 -16.27 -5.40
C PRO B 222 -1.81 -16.69 -5.16
N VAL B 223 -2.06 -18.00 -5.21
CA VAL B 223 -3.38 -18.54 -4.95
C VAL B 223 -3.91 -18.18 -3.55
N GLU B 224 -3.04 -17.79 -2.61
CA GLU B 224 -3.51 -17.43 -1.27
C GLU B 224 -4.54 -16.31 -1.32
N ILE B 225 -4.48 -15.44 -2.33
CA ILE B 225 -5.46 -14.38 -2.46
C ILE B 225 -6.88 -14.96 -2.47
N PHE B 226 -7.05 -16.14 -3.10
CA PHE B 226 -8.37 -16.75 -3.20
C PHE B 226 -8.85 -17.24 -1.85
N HIS B 227 -7.94 -17.80 -1.07
CA HIS B 227 -8.29 -18.23 0.27
C HIS B 227 -8.74 -17.05 1.10
N ILE B 228 -8.00 -15.93 1.02
CA ILE B 228 -8.38 -14.75 1.78
C ILE B 228 -9.79 -14.30 1.39
N ILE B 229 -10.04 -14.18 0.08
CA ILE B 229 -11.36 -13.76 -0.38
C ILE B 229 -12.43 -14.72 0.13
N GLU B 230 -12.24 -16.02 -0.11
CA GLU B 230 -13.26 -16.99 0.24
C GLU B 230 -13.53 -17.04 1.75
N HIS B 231 -12.50 -16.84 2.58
CA HIS B 231 -12.71 -16.85 4.02
C HIS B 231 -13.48 -15.63 4.51
N PHE B 232 -13.63 -14.59 3.68
CA PHE B 232 -14.48 -13.47 4.06
C PHE B 232 -15.96 -13.82 4.02
N CYS B 233 -16.34 -14.79 3.19
CA CYS B 233 -17.72 -15.25 3.07
C CYS B 233 -18.64 -14.12 2.60
N LEU B 234 -18.36 -13.62 1.39
CA LEU B 234 -18.99 -12.40 0.88
C LEU B 234 -20.09 -12.65 -0.14
N GLY B 235 -20.42 -13.90 -0.42
CA GLY B 235 -21.37 -14.21 -1.46
C GLY B 235 -20.81 -15.21 -2.46
N ARG B 236 -21.70 -15.71 -3.29
CA ARG B 236 -21.33 -16.85 -4.11
C ARG B 236 -21.13 -16.52 -5.59
N ARG B 237 -21.66 -15.42 -6.06
CA ARG B 237 -21.40 -15.00 -7.43
C ARG B 237 -20.06 -14.23 -7.43
N ARG B 238 -19.01 -14.93 -7.84
CA ARG B 238 -17.62 -14.45 -7.79
C ARG B 238 -17.04 -14.46 -9.20
N LEU B 239 -16.48 -13.32 -9.59
CA LEU B 239 -15.98 -13.09 -10.93
C LEU B 239 -14.50 -12.80 -10.86
N HIS B 240 -13.74 -13.43 -11.75
CA HIS B 240 -12.30 -13.19 -11.85
C HIS B 240 -12.04 -12.68 -13.27
N LEU B 241 -11.83 -11.38 -13.40
CA LEU B 241 -11.58 -10.80 -14.71
C LEU B 241 -10.11 -10.90 -15.04
N PHE B 242 -9.81 -11.36 -16.25
CA PHE B 242 -8.44 -11.56 -16.75
C PHE B 242 -7.77 -12.75 -16.08
N GLY B 243 -8.57 -13.71 -15.62
CA GLY B 243 -8.05 -15.00 -15.24
C GLY B 243 -7.51 -15.77 -16.44
N ARG B 244 -6.95 -16.93 -16.14
CA ARG B 244 -6.36 -17.79 -17.15
C ARG B 244 -6.85 -19.22 -16.94
N ASP B 245 -6.58 -20.10 -17.92
CA ASP B 245 -6.88 -21.51 -17.73
C ASP B 245 -6.35 -21.99 -16.40
N SER B 246 -5.15 -21.53 -16.03
CA SER B 246 -4.49 -21.93 -14.79
C SER B 246 -5.18 -21.39 -13.54
N THR B 247 -6.08 -20.43 -13.65
CA THR B 247 -6.69 -19.87 -12.46
C THR B 247 -8.11 -20.35 -12.25
N ILE B 248 -8.66 -21.10 -13.20
CA ILE B 248 -10.04 -21.57 -13.07
C ILE B 248 -10.20 -22.34 -11.76
N ARG B 249 -11.33 -22.18 -11.15
CA ARG B 249 -11.39 -22.55 -9.75
C ARG B 249 -12.85 -22.78 -9.38
N PRO B 250 -13.19 -23.89 -8.72
CA PRO B 250 -14.58 -24.07 -8.30
C PRO B 250 -15.03 -22.89 -7.46
N GLY B 251 -16.29 -22.52 -7.63
CA GLY B 251 -16.80 -21.36 -6.93
C GLY B 251 -16.58 -20.04 -7.64
N TRP B 252 -16.14 -20.05 -8.90
CA TRP B 252 -15.70 -18.83 -9.56
C TRP B 252 -16.08 -18.85 -11.03
N LEU B 253 -16.49 -17.69 -11.53
CA LEU B 253 -16.61 -17.42 -12.95
C LEU B 253 -15.34 -16.70 -13.41
N THR B 254 -14.69 -17.24 -14.41
CA THR B 254 -13.46 -16.68 -14.94
C THR B 254 -13.69 -16.15 -16.35
N VAL B 255 -13.34 -14.88 -16.57
CA VAL B 255 -13.41 -14.26 -17.89
C VAL B 255 -12.05 -13.67 -18.23
N GLY B 256 -11.58 -13.92 -19.44
CA GLY B 256 -10.26 -13.50 -19.83
C GLY B 256 -9.98 -13.83 -21.27
N PRO B 257 -9.09 -13.09 -21.88
CA PRO B 257 -8.85 -13.26 -23.31
C PRO B 257 -8.06 -14.51 -23.67
N THR B 258 -7.23 -15.04 -22.76
CA THR B 258 -6.39 -16.18 -23.13
C THR B 258 -7.02 -17.53 -22.79
N LEU B 259 -8.21 -17.56 -22.19
CA LEU B 259 -8.85 -18.84 -21.90
C LEU B 259 -8.98 -19.64 -23.19
N THR B 260 -8.84 -20.95 -23.10
CA THR B 260 -8.91 -21.72 -24.34
C THR B 260 -10.27 -22.37 -24.55
N ASN B 261 -11.08 -22.47 -23.51
CA ASN B 261 -12.41 -23.06 -23.63
C ASN B 261 -13.38 -22.22 -22.83
N SER B 262 -14.63 -22.30 -23.22
CA SER B 262 -15.67 -21.60 -22.50
C SER B 262 -16.73 -22.61 -22.12
N ASN B 263 -17.39 -22.37 -21.01
CA ASN B 263 -18.58 -23.14 -20.67
C ASN B 263 -19.69 -22.23 -20.16
N TYR B 264 -19.49 -20.91 -20.21
CA TYR B 264 -20.42 -19.98 -19.58
C TYR B 264 -21.76 -19.95 -20.29
N ASN B 265 -22.82 -20.11 -19.51
CA ASN B 265 -24.17 -19.86 -19.97
C ASN B 265 -24.86 -19.02 -18.92
N ALA B 266 -25.35 -17.85 -19.33
CA ALA B 266 -25.87 -16.87 -18.38
C ALA B 266 -27.04 -17.45 -17.57
N GLU B 267 -27.86 -18.25 -18.22
CA GLU B 267 -28.99 -18.83 -17.51
C GLU B 267 -28.53 -19.97 -16.61
N THR B 268 -27.67 -20.86 -17.10
CA THR B 268 -27.10 -21.88 -16.24
C THR B 268 -26.41 -21.26 -15.03
N TYR B 269 -25.64 -20.19 -15.26
CA TYR B 269 -25.00 -19.48 -14.15
C TYR B 269 -26.04 -18.94 -13.17
N ALA B 270 -27.10 -18.31 -13.67
CA ALA B 270 -28.08 -17.73 -12.77
C ALA B 270 -28.85 -18.81 -12.01
N SER B 271 -29.11 -19.95 -12.65
CA SER B 271 -29.52 -21.19 -11.99
C SER B 271 -28.94 -21.41 -10.59
N TYR B 272 -27.62 -21.29 -10.44
CA TYR B 272 -26.96 -21.65 -9.18
C TYR B 272 -27.37 -20.78 -8.01
N PHE B 273 -27.99 -19.63 -8.26
CA PHE B 273 -28.29 -18.63 -7.23
C PHE B 273 -29.78 -18.33 -7.11
N SER B 274 -30.61 -19.14 -7.75
CA SER B 274 -32.05 -19.00 -7.59
C SER B 274 -32.46 -19.50 -6.21
N ALA B 275 -33.64 -19.07 -5.78
CA ALA B 275 -34.15 -19.51 -4.49
C ALA B 275 -34.07 -21.03 -4.38
N PRO B 276 -33.77 -21.58 -3.20
CA PRO B 276 -33.57 -20.85 -1.95
C PRO B 276 -32.12 -20.45 -1.67
N ASN B 277 -31.34 -20.15 -2.71
CA ASN B 277 -29.90 -19.93 -2.52
C ASN B 277 -29.49 -18.50 -2.86
N SER B 278 -30.40 -17.54 -2.78
CA SER B 278 -30.16 -16.23 -3.36
C SER B 278 -29.14 -15.42 -2.57
N TYR B 279 -29.08 -15.60 -1.25
CA TYR B 279 -28.35 -14.70 -0.37
C TYR B 279 -27.29 -15.43 0.47
N LEU B 280 -26.92 -16.64 0.08
CA LEU B 280 -25.94 -17.41 0.83
C LEU B 280 -24.62 -16.65 0.94
N THR B 281 -23.88 -16.94 2.01
CA THR B 281 -22.53 -16.42 2.15
C THR B 281 -21.49 -17.28 1.46
N GLY B 282 -21.86 -18.50 1.09
CA GLY B 282 -20.86 -19.45 0.67
C GLY B 282 -20.11 -20.09 1.82
N CYS B 283 -20.44 -19.72 3.06
CA CYS B 283 -19.82 -20.29 4.25
C CYS B 283 -20.81 -21.04 5.12
N THR B 284 -21.96 -21.41 4.56
CA THR B 284 -23.02 -22.03 5.32
C THR B 284 -23.39 -23.36 4.67
N GLU B 285 -24.29 -24.08 5.35
CA GLU B 285 -24.75 -25.36 4.82
C GLU B 285 -25.42 -25.17 3.46
N GLU B 286 -25.46 -26.23 2.68
CA GLU B 286 -26.37 -26.25 1.54
C GLU B 286 -27.81 -26.35 2.04
N ILE B 287 -28.70 -25.57 1.45
CA ILE B 287 -30.12 -25.62 1.81
C ILE B 287 -30.72 -26.88 1.19
N GLU B 288 -31.12 -27.83 2.04
CA GLU B 288 -31.51 -29.18 1.61
C GLU B 288 -32.66 -29.20 0.59
C10 V9W C . 1.70 7.98 17.69
C13 V9W C . 2.43 9.25 17.42
C15 V9W C . 3.56 11.23 17.56
C17 V9W C . 3.35 13.67 18.48
C20 V9W C . 0.80 15.23 18.81
C21 V9W C . 2.68 14.48 17.35
C01 V9W C . 5.83 4.17 12.08
C02 V9W C . 4.44 4.36 12.73
C03 V9W C . 3.91 3.06 13.35
C04 V9W C . 4.59 5.36 13.85
C05 V9W C . 3.23 5.75 14.41
C07 V9W C . 1.10 6.76 13.94
C08 V9W C . 1.52 7.62 15.18
C09 V9W C . 1.25 7.19 16.58
C11 V9W C . 2.23 8.85 14.97
C12 V9W C . 2.68 9.66 16.11
C16 V9W C . 4.28 12.51 18.11
C18 V9W C . 2.25 13.18 19.40
C19 V9W C . 1.30 14.26 19.91
C23 V9W C . 2.08 17.12 17.42
C25 V9W C . 3.48 19.02 16.98
C27 V9W C . 1.07 19.30 16.71
C29 V9W C . -1.62 20.06 16.88
C30 V9W C . -1.96 19.94 18.57
C31 V9W C . -1.08 20.54 19.54
C32 V9W C . -1.34 20.46 20.96
C33 V9W C . -2.50 19.77 21.44
C34 V9W C . -3.40 19.16 20.47
C35 V9W C . -3.13 19.26 19.06
C36 V9W C . 0.93 17.91 17.10
C39 V9W C . 2.08 5.29 12.27
C40 V9W C . 3.44 4.86 11.67
N06 V9W C . 2.37 6.30 13.31
N14 V9W C . 2.99 10.25 18.30
N22 V9W C . 1.88 15.67 17.82
N24 V9W C . 3.34 17.68 17.35
N26 V9W C . 2.36 19.81 16.67
N28 V9W C . -0.15 20.16 16.38
N38 V9W C . 3.39 10.90 16.20
O37 V9W C . 4.11 14.62 19.24
C ACT D . -10.82 5.17 -1.62
O ACT D . -11.50 4.61 -0.72
OXT ACT D . -10.59 6.41 -1.80
CH3 ACT D . -10.15 4.25 -2.67
#